data_7GTN
#
_entry.id   7GTN
#
_cell.length_a   90.002
_cell.length_b   90.002
_cell.length_c   106.688
_cell.angle_alpha   90.000
_cell.angle_beta   90.000
_cell.angle_gamma   120.000
#
_symmetry.space_group_name_H-M   'P 31 2 1'
#
loop_
_entity.id
_entity.type
_entity.pdbx_description
1 polymer 'Tyrosine-protein phosphatase non-receptor type 1'
2 non-polymer 2-AMINO-2-HYDROXYMETHYL-PROPANE-1,3-DIOL
3 non-polymer 1-phenyl-1,3,8-triazaspiro[4.5]decan-4-one
4 water water
#
_entity_poly.entity_id   1
_entity_poly.type   'polypeptide(L)'
_entity_poly.pdbx_seq_one_letter_code
;MEMEKEFEQIDKSGSWAAIYQDIRHEASDFPSRVAKLPKNKNRNRYRDVSPFDHSRIKLHQEDNDYINASLIKMEEAQRS
YILTQGPLPNTVGHFWEMVWEQKSRGVVMLNRVMEKGSLKCAQYWPQKEEKEMIFEDTNLKLTLISEDIKSYYTVRQLEL
ENLTTQETREILHFHYTTWPDFGVPESPASFLNFLFKVRESGSLSPEHGPVVVHCSAGIGRSGTFCLADTCLLLMDKRKD
PSSVDIKKVLLEMRKFRMGLIQTADQLRFSYLAVIEGAKFIMGDSSVQDQWKELSHEDLEPPPEHIPPPPRPPKRILEPH
N
;
_entity_poly.pdbx_strand_id   A
#
loop_
_chem_comp.id
_chem_comp.type
_chem_comp.name
_chem_comp.formula
A1ABU non-polymer 1-phenyl-1,3,8-triazaspiro[4.5]decan-4-one 'C13 H17 N3 O'
TRS non-polymer 2-AMINO-2-HYDROXYMETHYL-PROPANE-1,3-DIOL 'C4 H12 N O3 1'
#
# COMPACT_ATOMS: atom_id res chain seq x y z
N MET A 1 24.29 15.61 -4.36
CA MET A 1 24.68 14.37 -5.13
C MET A 1 23.41 13.66 -5.63
N GLU A 2 23.39 13.28 -6.91
CA GLU A 2 22.32 12.44 -7.51
C GLU A 2 22.32 11.09 -6.77
N MET A 3 21.17 10.72 -6.19
CA MET A 3 20.95 9.44 -5.46
C MET A 3 21.60 8.27 -6.24
N GLU A 4 21.79 8.40 -7.56
CA GLU A 4 22.29 7.31 -8.44
C GLU A 4 23.78 7.06 -8.17
N LYS A 5 24.60 8.11 -8.16
CA LYS A 5 26.04 7.99 -7.80
C LYS A 5 26.15 7.09 -6.58
N GLU A 6 25.44 7.43 -5.49
CA GLU A 6 25.43 6.64 -4.24
C GLU A 6 25.00 5.20 -4.56
N PHE A 7 23.97 5.03 -5.40
CA PHE A 7 23.44 3.71 -5.82
C PHE A 7 24.61 2.85 -6.31
N GLU A 8 25.50 3.45 -7.09
CA GLU A 8 26.59 2.74 -7.82
C GLU A 8 27.63 2.20 -6.81
N GLN A 9 27.92 2.96 -5.74
CA GLN A 9 28.97 2.59 -4.74
C GLN A 9 28.49 1.35 -3.96
N ILE A 10 27.19 1.26 -3.68
CA ILE A 10 26.61 0.18 -2.83
C ILE A 10 26.64 -1.12 -3.64
N ASP A 11 26.39 -1.04 -4.95
CA ASP A 11 26.43 -2.18 -5.89
C ASP A 11 27.89 -2.70 -5.98
N LYS A 12 28.85 -1.80 -6.13
CA LYS A 12 30.27 -2.17 -6.34
C LYS A 12 30.85 -2.69 -5.02
N SER A 13 30.46 -2.09 -3.90
CA SER A 13 30.88 -2.54 -2.54
C SER A 13 30.09 -3.80 -2.14
N GLY A 14 29.01 -4.10 -2.86
CA GLY A 14 28.08 -5.21 -2.56
C GLY A 14 27.49 -5.12 -1.17
N SER A 15 26.98 -3.95 -0.78
CA SER A 15 26.54 -3.68 0.62
C SER A 15 25.02 -3.51 0.72
N TRP A 16 24.22 -4.21 -0.08
CA TRP A 16 22.74 -4.10 0.06
C TRP A 16 22.30 -4.81 1.35
N ALA A 17 22.74 -6.04 1.60
CA ALA A 17 22.32 -6.82 2.79
C ALA A 17 22.70 -6.08 4.07
N ALA A 18 23.87 -5.44 4.05
CA ALA A 18 24.45 -4.71 5.21
C ALA A 18 23.53 -3.55 5.59
N ILE A 19 23.29 -2.62 4.66
CA ILE A 19 22.45 -1.41 4.91
C ILE A 19 21.05 -1.87 5.36
N TYR A 20 20.50 -2.89 4.69
CA TYR A 20 19.14 -3.39 4.99
C TYR A 20 19.10 -3.78 6.47
N GLN A 21 20.11 -4.55 6.91
CA GLN A 21 20.16 -5.03 8.31
C GLN A 21 20.24 -3.85 9.27
N ASP A 22 20.96 -2.79 8.91
CA ASP A 22 21.09 -1.54 9.74
C ASP A 22 19.68 -0.95 9.92
N ILE A 23 18.91 -0.83 8.83
CA ILE A 23 17.50 -0.35 8.93
C ILE A 23 16.71 -1.24 9.90
N ARG A 24 16.81 -2.56 9.75
CA ARG A 24 16.05 -3.48 10.60
C ARG A 24 16.37 -3.22 12.08
N HIS A 25 17.65 -2.95 12.40
CA HIS A 25 18.13 -2.76 13.79
C HIS A 25 17.61 -1.44 14.37
N GLU A 26 17.60 -0.36 13.57
CA GLU A 26 17.23 1.00 14.05
C GLU A 26 15.71 1.22 14.04
N ALA A 27 14.93 0.30 13.46
CA ALA A 27 13.47 0.50 13.28
C ALA A 27 12.77 0.56 14.64
N SER A 28 11.71 1.35 14.72
CA SER A 28 10.82 1.48 15.89
C SER A 28 10.23 0.14 16.31
N ASP A 29 10.00 -0.01 17.62
CA ASP A 29 9.25 -1.13 18.24
C ASP A 29 8.23 -0.52 19.20
N PHE A 30 6.95 -0.64 18.84
CA PHE A 30 5.80 -0.13 19.59
C PHE A 30 4.90 -1.32 19.87
N PRO A 31 4.05 -1.25 20.91
CA PRO A 31 3.13 -2.34 21.20
C PRO A 31 2.03 -2.53 20.11
N SER A 32 1.68 -3.80 19.89
CA SER A 32 0.52 -4.26 19.07
C SER A 32 -0.37 -5.18 19.91
N ARG A 33 -0.85 -4.72 21.06
CA ARG A 33 -1.61 -5.59 22.02
C ARG A 33 -2.98 -5.94 21.46
N VAL A 34 -3.68 -5.02 20.79
CA VAL A 34 -5.03 -5.34 20.25
C VAL A 34 -4.91 -6.47 19.20
N ALA A 35 -3.91 -6.44 18.32
CA ALA A 35 -3.71 -7.43 17.24
C ALA A 35 -3.55 -8.83 17.83
N LYS A 36 -2.96 -8.92 19.03
CA LYS A 36 -2.60 -10.23 19.64
C LYS A 36 -3.73 -10.76 20.53
N LEU A 37 -4.83 -10.05 20.76
CA LEU A 37 -5.97 -10.60 21.58
C LEU A 37 -6.48 -11.90 20.92
N PRO A 38 -6.84 -12.92 21.72
CA PRO A 38 -7.36 -14.16 21.15
C PRO A 38 -8.57 -13.98 20.22
N LYS A 39 -9.50 -13.08 20.52
CA LYS A 39 -10.69 -12.82 19.67
C LYS A 39 -10.27 -12.39 18.24
N ASN A 40 -9.00 -12.04 17.99
CA ASN A 40 -8.60 -11.43 16.69
C ASN A 40 -7.72 -12.39 15.88
N LYS A 41 -7.53 -13.64 16.33
CA LYS A 41 -6.58 -14.53 15.64
C LYS A 41 -6.99 -14.75 14.18
N ASN A 42 -8.27 -14.92 13.89
CA ASN A 42 -8.70 -15.18 12.49
C ASN A 42 -8.83 -13.87 11.70
N ARG A 43 -8.39 -12.72 12.21
CA ARG A 43 -8.39 -11.42 11.49
C ARG A 43 -6.99 -11.07 11.01
N ASN A 44 -6.00 -11.91 11.30
CA ASN A 44 -4.59 -11.74 10.90
C ASN A 44 -4.14 -12.83 9.95
N ARG A 45 -3.56 -12.45 8.84
CA ARG A 45 -3.05 -13.40 7.83
C ARG A 45 -1.77 -14.02 8.35
N TYR A 46 -0.87 -13.23 8.93
CA TYR A 46 0.48 -13.68 9.36
C TYR A 46 0.68 -13.31 10.84
N ARG A 47 1.15 -14.29 11.61
CA ARG A 47 1.34 -14.14 13.07
C ARG A 47 2.39 -13.06 13.39
N ASP A 48 3.35 -12.82 12.51
CA ASP A 48 4.47 -11.87 12.73
C ASP A 48 4.24 -10.51 12.04
N VAL A 49 3.04 -10.21 11.52
CA VAL A 49 2.76 -8.87 10.90
C VAL A 49 1.50 -8.31 11.54
N SER A 50 1.65 -7.26 12.38
CA SER A 50 0.58 -6.69 13.16
C SER A 50 0.69 -5.17 13.09
N PRO A 51 -0.44 -4.47 13.10
CA PRO A 51 -0.43 -3.02 13.22
C PRO A 51 -0.09 -2.62 14.68
N PHE A 52 0.67 -1.53 14.83
CA PHE A 52 0.90 -0.92 16.17
C PHE A 52 -0.43 -0.39 16.69
N ASP A 53 -0.60 -0.41 18.02
CA ASP A 53 -1.79 0.17 18.65
C ASP A 53 -1.93 1.66 18.32
N HIS A 54 -0.83 2.42 18.30
CA HIS A 54 -0.97 3.89 18.25
C HIS A 54 -1.49 4.34 16.87
N SER A 55 -1.25 3.57 15.81
CA SER A 55 -1.50 3.97 14.40
C SER A 55 -2.55 3.05 13.72
N ARG A 56 -3.12 2.09 14.45
CA ARG A 56 -4.09 1.15 13.81
C ARG A 56 -5.35 1.88 13.38
N ILE A 57 -5.95 1.45 12.23
CA ILE A 57 -7.30 1.91 11.85
C ILE A 57 -8.36 1.19 12.68
N LYS A 58 -9.24 1.95 13.33
CA LYS A 58 -10.40 1.42 14.06
C LYS A 58 -11.68 1.37 13.19
N LEU A 59 -12.31 0.20 13.14
CA LEU A 59 -13.67 0.09 12.56
C LEU A 59 -14.67 0.81 13.48
N HIS A 60 -15.68 1.44 12.90
CA HIS A 60 -16.73 2.19 13.64
C HIS A 60 -17.82 1.20 14.05
N GLN A 61 -17.52 0.29 14.96
CA GLN A 61 -18.54 -0.62 15.55
C GLN A 61 -18.11 -0.99 16.95
N GLU A 62 -19.09 -1.25 17.81
CA GLU A 62 -18.91 -1.45 19.28
C GLU A 62 -18.48 -2.92 19.52
N ASP A 63 -18.97 -3.85 18.70
CA ASP A 63 -18.66 -5.30 18.80
C ASP A 63 -17.13 -5.48 18.86
N ASN A 64 -16.46 -5.32 17.73
CA ASN A 64 -14.99 -5.55 17.62
C ASN A 64 -14.46 -4.58 16.57
N ASP A 65 -13.63 -3.63 16.97
CA ASP A 65 -13.17 -2.52 16.08
C ASP A 65 -11.88 -2.90 15.35
N TYR A 66 -11.45 -4.16 15.35
CA TYR A 66 -10.08 -4.50 14.90
C TYR A 66 -10.03 -4.87 13.39
N ILE A 67 -9.05 -4.28 12.69
CA ILE A 67 -8.62 -4.71 11.32
C ILE A 67 -7.10 -4.60 11.25
N ASN A 68 -6.44 -5.51 10.58
CA ASN A 68 -4.99 -5.42 10.32
C ASN A 68 -4.71 -4.33 9.25
N ALA A 69 -4.60 -3.07 9.69
CA ALA A 69 -4.43 -1.87 8.84
C ALA A 69 -3.84 -0.73 9.69
N SER A 70 -2.96 0.07 9.09
CA SER A 70 -2.21 1.16 9.75
C SER A 70 -2.35 2.46 8.96
N LEU A 71 -2.43 3.61 9.67
CA LEU A 71 -2.36 4.96 9.03
C LEU A 71 -0.93 5.46 9.02
N ILE A 72 -0.34 5.62 7.84
CA ILE A 72 1.01 6.18 7.63
C ILE A 72 0.80 7.68 7.33
N LYS A 73 1.13 8.60 8.27
CA LYS A 73 0.92 10.04 8.10
C LYS A 73 2.25 10.78 7.87
N MET A 74 2.53 11.25 6.64
CA MET A 74 3.84 11.84 6.28
C MET A 74 3.68 13.38 6.35
N GLU A 75 4.16 13.97 7.45
CA GLU A 75 3.87 15.38 7.82
C GLU A 75 4.49 16.37 6.83
N GLU A 76 5.77 16.25 6.49
CA GLU A 76 6.45 17.17 5.56
C GLU A 76 5.94 17.00 4.12
N ALA A 77 5.74 15.75 3.65
CA ALA A 77 5.20 15.54 2.28
C ALA A 77 3.71 15.85 2.19
N GLN A 78 2.94 15.95 3.30
CA GLN A 78 1.48 16.22 3.30
C GLN A 78 0.79 15.09 2.51
N ARG A 79 1.16 13.83 2.79
CA ARG A 79 0.47 12.65 2.22
C ARG A 79 0.11 11.68 3.35
N SER A 80 -1.02 11.01 3.24
CA SER A 80 -1.39 9.91 4.18
C SER A 80 -1.76 8.65 3.36
N TYR A 81 -1.41 7.48 3.90
CA TYR A 81 -1.74 6.19 3.25
C TYR A 81 -2.29 5.27 4.33
N ILE A 82 -3.22 4.38 3.95
CA ILE A 82 -3.59 3.23 4.81
C ILE A 82 -2.92 2.01 4.19
N LEU A 83 -2.05 1.30 4.93
CA LEU A 83 -1.43 0.05 4.48
C LEU A 83 -2.10 -1.11 5.22
N THR A 84 -2.56 -2.14 4.46
CA THR A 84 -3.34 -3.25 5.05
C THR A 84 -2.91 -4.56 4.37
N GLN A 85 -3.21 -5.67 5.01
CA GLN A 85 -3.00 -7.03 4.45
C GLN A 85 -4.04 -7.24 3.33
N GLY A 86 -3.78 -8.22 2.47
CA GLY A 86 -4.82 -8.72 1.57
C GLY A 86 -5.96 -9.32 2.42
N PRO A 87 -7.20 -8.98 2.12
CA PRO A 87 -8.33 -9.44 2.88
C PRO A 87 -8.47 -10.97 2.92
N LEU A 88 -8.92 -11.48 4.06
CA LEU A 88 -9.18 -12.91 4.33
C LEU A 88 -10.66 -13.18 4.09
N PRO A 89 -11.04 -14.48 3.94
CA PRO A 89 -12.44 -14.79 3.74
C PRO A 89 -13.34 -14.17 4.80
N ASN A 90 -12.89 -14.13 6.06
CA ASN A 90 -13.79 -13.54 7.08
C ASN A 90 -13.55 -12.04 7.33
N THR A 91 -12.70 -11.36 6.59
CA THR A 91 -12.50 -9.89 6.74
C THR A 91 -12.81 -9.09 5.47
N VAL A 92 -13.45 -9.69 4.45
CA VAL A 92 -13.76 -8.90 3.23
C VAL A 92 -14.79 -7.81 3.60
N GLY A 93 -15.78 -8.08 4.44
CA GLY A 93 -16.77 -7.08 4.88
C GLY A 93 -16.15 -5.97 5.71
N HIS A 94 -15.20 -6.30 6.59
CA HIS A 94 -14.42 -5.29 7.37
C HIS A 94 -13.63 -4.37 6.43
N PHE A 95 -12.99 -4.95 5.43
CA PHE A 95 -12.17 -4.19 4.44
C PHE A 95 -13.02 -3.07 3.83
N TRP A 96 -14.21 -3.43 3.28
CA TRP A 96 -15.05 -2.43 2.58
C TRP A 96 -15.67 -1.45 3.60
N GLU A 97 -15.95 -1.88 4.83
CA GLU A 97 -16.38 -1.00 5.94
C GLU A 97 -15.31 0.10 6.16
N MET A 98 -14.03 -0.29 6.19
CA MET A 98 -12.91 0.65 6.37
C MET A 98 -12.87 1.63 5.20
N VAL A 99 -12.91 1.15 3.95
CA VAL A 99 -12.88 2.08 2.78
C VAL A 99 -14.02 3.11 2.92
N TRP A 100 -15.23 2.67 3.29
CA TRP A 100 -16.42 3.53 3.46
C TRP A 100 -16.15 4.57 4.56
N GLU A 101 -15.79 4.08 5.75
CA GLU A 101 -15.65 4.94 6.97
C GLU A 101 -14.50 5.94 6.85
N GLN A 102 -13.42 5.62 6.13
CA GLN A 102 -12.24 6.47 5.96
C GLN A 102 -12.35 7.42 4.77
N LYS A 103 -13.41 7.30 3.95
CA LYS A 103 -13.72 8.16 2.78
C LYS A 103 -12.67 8.06 1.69
N SER A 104 -12.06 6.87 1.54
CA SER A 104 -11.06 6.63 0.51
C SER A 104 -11.72 6.70 -0.88
N ARG A 105 -10.97 7.16 -1.86
CA ARG A 105 -11.36 7.22 -3.29
C ARG A 105 -10.77 6.00 -4.03
N GLY A 106 -9.60 5.52 -3.62
CA GLY A 106 -8.82 4.53 -4.40
C GLY A 106 -8.38 3.38 -3.52
N VAL A 107 -8.30 2.19 -4.12
CA VAL A 107 -7.66 0.96 -3.55
C VAL A 107 -6.57 0.58 -4.50
N VAL A 108 -5.35 0.38 -4.00
CA VAL A 108 -4.16 -0.04 -4.78
C VAL A 108 -3.81 -1.48 -4.37
N MET A 109 -3.85 -2.40 -5.33
CA MET A 109 -3.59 -3.86 -5.12
C MET A 109 -2.31 -4.23 -5.88
N LEU A 110 -1.28 -4.80 -5.19
CA LEU A 110 0.03 -5.04 -5.82
C LEU A 110 0.33 -6.54 -5.97
N ASN A 111 -0.66 -7.38 -5.74
CA ASN A 111 -0.49 -8.85 -5.82
C ASN A 111 -1.57 -9.44 -6.72
N ARG A 112 -1.38 -10.72 -7.13
CA ARG A 112 -2.45 -11.54 -7.76
C ARG A 112 -3.11 -12.36 -6.65
N VAL A 113 -4.38 -12.73 -6.84
CA VAL A 113 -5.15 -13.56 -5.90
C VAL A 113 -4.42 -14.90 -5.65
N MET A 114 -3.89 -15.50 -6.71
CA MET A 114 -3.03 -16.71 -6.58
C MET A 114 -1.60 -16.39 -7.02
N GLU A 115 -0.59 -16.70 -6.20
CA GLU A 115 0.83 -16.60 -6.62
C GLU A 115 1.53 -17.84 -6.03
N LYS A 116 2.51 -18.35 -6.76
CA LYS A 116 3.31 -19.52 -6.25
C LYS A 116 2.36 -20.71 -5.95
N GLY A 117 1.22 -20.81 -6.66
CA GLY A 117 0.26 -21.92 -6.42
C GLY A 117 -0.55 -21.85 -5.14
N SER A 118 -0.56 -20.71 -4.42
CA SER A 118 -1.26 -20.58 -3.13
C SER A 118 -2.10 -19.31 -3.12
N LEU A 119 -3.13 -19.25 -2.29
CA LEU A 119 -3.99 -18.04 -2.29
C LEU A 119 -3.31 -16.94 -1.44
N LYS A 120 -3.14 -15.75 -2.00
CA LYS A 120 -2.50 -14.61 -1.32
C LYS A 120 -3.52 -13.59 -0.81
N CYS A 121 -4.77 -13.63 -1.31
CA CYS A 121 -5.88 -12.85 -0.74
C CYS A 121 -7.22 -13.29 -1.35
N ALA A 122 -8.29 -13.00 -0.65
CA ALA A 122 -9.65 -13.39 -1.08
C ALA A 122 -10.00 -12.67 -2.41
N GLN A 123 -10.93 -13.25 -3.19
CA GLN A 123 -11.53 -12.56 -4.35
C GLN A 123 -12.55 -11.58 -3.81
N TYR A 124 -12.17 -10.31 -3.52
CA TYR A 124 -12.96 -9.42 -2.65
C TYR A 124 -13.74 -8.38 -3.47
N TRP A 125 -13.65 -8.44 -4.82
CA TRP A 125 -14.42 -7.52 -5.71
C TRP A 125 -15.12 -8.37 -6.79
N PRO A 126 -16.23 -7.88 -7.38
CA PRO A 126 -16.99 -8.64 -8.41
C PRO A 126 -16.31 -8.61 -9.77
N GLN A 127 -16.42 -9.74 -10.48
CA GLN A 127 -15.70 -9.94 -11.77
C GLN A 127 -16.64 -9.65 -12.96
N LYS A 128 -17.94 -9.65 -12.75
CA LYS A 128 -18.98 -9.38 -13.77
C LYS A 128 -19.97 -8.32 -13.31
N GLU A 129 -20.31 -7.41 -14.22
CA GLU A 129 -21.26 -6.32 -13.95
C GLU A 129 -22.52 -6.86 -13.31
N GLU A 130 -23.12 -7.93 -13.89
CA GLU A 130 -24.45 -8.38 -13.47
C GLU A 130 -24.42 -9.29 -12.25
N LYS A 131 -23.24 -9.56 -11.64
CA LYS A 131 -23.15 -10.37 -10.40
C LYS A 131 -22.50 -9.54 -9.27
N GLU A 132 -23.30 -8.69 -8.64
CA GLU A 132 -22.80 -7.80 -7.57
C GLU A 132 -22.53 -8.62 -6.30
N MET A 133 -21.82 -8.02 -5.34
CA MET A 133 -21.49 -8.70 -4.07
C MET A 133 -22.21 -7.95 -2.94
N ILE A 134 -22.78 -8.69 -2.01
CA ILE A 134 -23.38 -8.13 -0.77
C ILE A 134 -22.57 -8.67 0.43
N PHE A 135 -22.20 -7.79 1.35
CA PHE A 135 -21.45 -8.10 2.59
C PHE A 135 -22.46 -7.91 3.73
N GLU A 136 -23.06 -9.01 4.18
CA GLU A 136 -24.23 -8.91 5.10
C GLU A 136 -23.75 -8.46 6.49
N ASP A 137 -22.55 -8.89 6.91
CA ASP A 137 -22.02 -8.52 8.25
C ASP A 137 -21.84 -7.00 8.38
N THR A 138 -21.49 -6.24 7.32
CA THR A 138 -21.28 -4.77 7.38
C THR A 138 -22.34 -3.95 6.59
N ASN A 139 -23.32 -4.61 5.98
CA ASN A 139 -24.44 -3.92 5.28
C ASN A 139 -23.95 -3.06 4.10
N LEU A 140 -23.10 -3.62 3.23
CA LEU A 140 -22.58 -2.94 2.03
C LEU A 140 -22.88 -3.77 0.77
N LYS A 141 -23.06 -3.06 -0.34
CA LYS A 141 -23.17 -3.67 -1.68
C LYS A 141 -22.09 -3.08 -2.59
N LEU A 142 -21.50 -3.94 -3.40
CA LEU A 142 -20.36 -3.60 -4.29
C LEU A 142 -20.68 -4.11 -5.71
N THR A 143 -20.65 -3.21 -6.68
CA THR A 143 -20.94 -3.51 -8.12
C THR A 143 -19.78 -3.11 -9.00
N LEU A 144 -19.39 -3.97 -9.95
CA LEU A 144 -18.42 -3.65 -11.01
C LEU A 144 -19.09 -2.77 -12.06
N ILE A 145 -18.56 -1.56 -12.28
CA ILE A 145 -19.13 -0.60 -13.27
C ILE A 145 -18.40 -0.71 -14.60
N SER A 146 -17.09 -0.80 -14.62
CA SER A 146 -16.25 -0.90 -15.84
C SER A 146 -14.89 -1.42 -15.45
N GLU A 147 -14.16 -1.92 -16.43
CA GLU A 147 -12.83 -2.56 -16.26
C GLU A 147 -12.00 -2.15 -17.48
N ASP A 148 -10.76 -1.69 -17.28
CA ASP A 148 -9.80 -1.34 -18.37
C ASP A 148 -8.54 -2.19 -18.17
N ILE A 149 -8.35 -3.24 -18.98
CA ILE A 149 -7.21 -4.19 -18.84
C ILE A 149 -6.05 -3.76 -19.73
N LYS A 150 -4.89 -3.44 -19.17
CA LYS A 150 -3.67 -3.06 -19.90
C LYS A 150 -2.60 -4.09 -19.67
N SER A 151 -1.45 -3.94 -20.30
CA SER A 151 -0.39 -4.99 -20.29
C SER A 151 0.17 -5.17 -18.88
N TYR A 152 0.29 -4.11 -18.08
CA TYR A 152 1.02 -4.20 -16.79
C TYR A 152 0.10 -3.97 -15.57
N TYR A 153 -1.12 -3.48 -15.80
CA TYR A 153 -2.11 -3.18 -14.73
C TYR A 153 -3.52 -3.15 -15.34
N THR A 154 -4.51 -3.23 -14.43
CA THR A 154 -5.94 -3.10 -14.74
C THR A 154 -6.52 -2.02 -13.82
N VAL A 155 -7.36 -1.14 -14.34
CA VAL A 155 -8.14 -0.17 -13.55
C VAL A 155 -9.61 -0.52 -13.63
N ARG A 156 -10.24 -0.59 -12.48
CA ARG A 156 -11.69 -0.87 -12.36
C ARG A 156 -12.43 0.29 -11.69
N GLN A 157 -13.62 0.58 -12.21
CA GLN A 157 -14.62 1.48 -11.57
C GLN A 157 -15.61 0.62 -10.77
N LEU A 158 -15.73 0.89 -9.46
CA LEU A 158 -16.64 0.13 -8.57
C LEU A 158 -17.63 1.08 -7.93
N GLU A 159 -18.85 0.62 -7.67
CA GLU A 159 -19.87 1.37 -6.91
C GLU A 159 -20.05 0.72 -5.55
N LEU A 160 -19.75 1.47 -4.47
CA LEU A 160 -19.99 0.98 -3.11
C LEU A 160 -21.22 1.69 -2.54
N GLU A 161 -22.18 0.91 -2.08
CA GLU A 161 -23.45 1.40 -1.52
C GLU A 161 -23.54 1.04 -0.05
N ASN A 162 -23.78 2.04 0.78
CA ASN A 162 -24.09 1.83 2.21
C ASN A 162 -25.59 1.48 2.29
N LEU A 163 -25.93 0.20 2.48
CA LEU A 163 -27.35 -0.27 2.38
C LEU A 163 -28.18 0.36 3.50
N THR A 164 -27.53 0.88 4.54
CA THR A 164 -28.19 1.48 5.73
C THR A 164 -28.78 2.85 5.34
N THR A 165 -28.08 3.66 4.53
CA THR A 165 -28.44 5.06 4.16
C THR A 165 -28.77 5.20 2.68
N GLN A 166 -28.47 4.19 1.86
CA GLN A 166 -28.62 4.20 0.38
C GLN A 166 -27.72 5.26 -0.25
N GLU A 167 -26.71 5.77 0.46
CA GLU A 167 -25.66 6.59 -0.19
C GLU A 167 -24.79 5.66 -1.05
N THR A 168 -24.26 6.17 -2.14
CA THR A 168 -23.31 5.48 -3.04
C THR A 168 -22.06 6.33 -3.22
N ARG A 169 -20.94 5.69 -3.53
CA ARG A 169 -19.69 6.35 -3.93
C ARG A 169 -19.00 5.54 -4.99
N GLU A 170 -18.27 6.22 -5.84
CA GLU A 170 -17.40 5.63 -6.86
C GLU A 170 -16.03 5.35 -6.21
N ILE A 171 -15.59 4.09 -6.19
CA ILE A 171 -14.21 3.69 -5.79
C ILE A 171 -13.40 3.28 -7.02
N LEU A 172 -12.18 3.73 -7.19
CA LEU A 172 -11.29 3.27 -8.27
C LEU A 172 -10.36 2.16 -7.73
N HIS A 173 -10.29 1.02 -8.39
CA HIS A 173 -9.40 -0.13 -8.07
C HIS A 173 -8.21 -0.15 -9.03
N PHE A 174 -7.01 0.10 -8.54
CA PHE A 174 -5.75 0.11 -9.33
C PHE A 174 -5.01 -1.18 -9.03
N HIS A 175 -4.97 -2.10 -10.00
CA HIS A 175 -4.44 -3.47 -9.83
C HIS A 175 -3.17 -3.67 -10.63
N TYR A 176 -2.01 -3.64 -9.98
CA TYR A 176 -0.72 -3.92 -10.64
C TYR A 176 -0.59 -5.44 -10.72
N THR A 177 -0.60 -5.99 -11.94
CA THR A 177 -0.81 -7.46 -12.16
C THR A 177 0.48 -8.21 -12.54
N THR A 178 1.62 -7.55 -12.69
CA THR A 178 2.83 -8.15 -13.29
C THR A 178 4.03 -8.17 -12.35
N TRP A 179 3.88 -7.95 -11.02
CA TRP A 179 5.03 -8.13 -10.11
C TRP A 179 5.37 -9.63 -10.15
N PRO A 180 6.64 -10.01 -10.36
CA PRO A 180 6.97 -11.46 -10.48
C PRO A 180 6.79 -12.25 -9.19
N ASP A 181 6.47 -13.55 -9.31
CA ASP A 181 6.27 -14.49 -8.17
C ASP A 181 7.52 -14.52 -7.26
N PHE A 182 8.72 -14.38 -7.84
CA PHE A 182 10.03 -14.29 -7.07
C PHE A 182 10.80 -12.99 -7.43
N GLY A 183 11.48 -12.40 -6.45
CA GLY A 183 12.31 -11.20 -6.68
C GLY A 183 11.50 -9.93 -6.96
N VAL A 184 12.11 -8.99 -7.68
CA VAL A 184 11.55 -7.64 -7.96
C VAL A 184 11.64 -7.43 -9.46
N PRO A 185 10.88 -6.49 -10.07
CA PRO A 185 10.97 -6.22 -11.50
C PRO A 185 12.40 -5.79 -11.91
N GLU A 186 12.81 -6.18 -13.11
CA GLU A 186 14.16 -5.81 -13.61
C GLU A 186 14.28 -4.29 -13.85
N SER A 187 13.24 -3.67 -14.38
CA SER A 187 13.15 -2.20 -14.61
C SER A 187 12.01 -1.63 -13.77
N PRO A 188 12.12 -0.39 -13.25
CA PRO A 188 11.02 0.22 -12.49
C PRO A 188 10.04 0.98 -13.37
N ALA A 189 10.22 0.92 -14.69
CA ALA A 189 9.45 1.75 -15.63
C ALA A 189 7.97 1.49 -15.48
N SER A 190 7.52 0.23 -15.50
CA SER A 190 6.06 -0.06 -15.45
C SER A 190 5.50 0.28 -14.06
N PHE A 191 6.24 0.06 -12.98
CA PHE A 191 5.82 0.42 -11.59
C PHE A 191 5.64 1.95 -11.48
N LEU A 192 6.57 2.74 -12.00
CA LEU A 192 6.45 4.24 -12.02
C LEU A 192 5.28 4.69 -12.90
N ASN A 193 5.09 4.14 -14.11
CA ASN A 193 3.89 4.41 -14.93
C ASN A 193 2.61 4.22 -14.11
N PHE A 194 2.55 3.11 -13.36
CA PHE A 194 1.38 2.75 -12.52
C PHE A 194 1.18 3.80 -11.43
N LEU A 195 2.25 4.19 -10.74
CA LEU A 195 2.18 5.21 -9.64
C LEU A 195 1.62 6.52 -10.21
N PHE A 196 2.08 6.90 -11.40
CA PHE A 196 1.60 8.16 -12.04
C PHE A 196 0.14 8.06 -12.43
N LYS A 197 -0.35 6.87 -12.81
CA LYS A 197 -1.80 6.69 -13.09
C LYS A 197 -2.63 6.82 -11.82
N VAL A 198 -2.15 6.26 -10.68
CA VAL A 198 -2.90 6.46 -9.40
C VAL A 198 -2.92 7.98 -9.09
N ARG A 199 -1.78 8.64 -9.20
CA ARG A 199 -1.75 10.12 -8.84
C ARG A 199 -2.72 10.89 -9.73
N GLU A 200 -2.73 10.59 -11.03
CA GLU A 200 -3.58 11.35 -12.00
C GLU A 200 -5.07 11.20 -11.67
N SER A 201 -5.48 10.10 -11.05
CA SER A 201 -6.88 9.84 -10.68
C SER A 201 -7.42 10.73 -9.57
N GLY A 202 -6.58 11.41 -8.77
CA GLY A 202 -7.05 12.13 -7.58
C GLY A 202 -7.08 11.26 -6.32
N SER A 203 -6.75 9.98 -6.42
CA SER A 203 -6.89 9.04 -5.27
C SER A 203 -5.94 9.41 -4.11
N LEU A 204 -4.84 10.12 -4.40
CA LEU A 204 -3.77 10.42 -3.39
C LEU A 204 -3.91 11.82 -2.86
N SER A 205 -4.94 12.52 -3.30
CA SER A 205 -5.06 13.97 -3.06
C SER A 205 -5.81 14.27 -1.76
N PRO A 206 -5.55 15.45 -1.14
CA PRO A 206 -6.10 15.74 0.18
C PRO A 206 -7.61 15.97 0.23
N GLU A 207 -8.25 16.11 -0.92
CA GLU A 207 -9.72 16.23 -0.92
C GLU A 207 -10.40 14.89 -0.61
N HIS A 208 -9.70 13.77 -0.63
CA HIS A 208 -10.27 12.44 -0.28
C HIS A 208 -9.65 11.91 1.03
N GLY A 209 -10.26 10.89 1.62
CA GLY A 209 -9.61 10.06 2.64
C GLY A 209 -8.36 9.40 2.09
N PRO A 210 -7.51 8.80 2.96
CA PRO A 210 -6.26 8.18 2.48
C PRO A 210 -6.55 7.01 1.51
N VAL A 211 -5.71 6.89 0.50
CA VAL A 211 -5.67 5.66 -0.36
C VAL A 211 -5.50 4.42 0.54
N VAL A 212 -6.14 3.32 0.15
CA VAL A 212 -5.90 2.01 0.82
C VAL A 212 -4.92 1.24 -0.05
N VAL A 213 -3.75 0.80 0.47
CA VAL A 213 -2.77 0.04 -0.31
C VAL A 213 -2.54 -1.32 0.30
N HIS A 214 -2.52 -2.38 -0.51
CA HIS A 214 -2.26 -3.75 0.02
C HIS A 214 -1.47 -4.60 -0.97
N CYS A 215 -0.84 -5.62 -0.37
CA CYS A 215 -0.27 -6.77 -1.10
C CYS A 215 -0.73 -8.02 -0.36
N SER A 216 0.10 -9.03 -0.11
CA SER A 216 -0.37 -10.11 0.77
C SER A 216 -0.27 -9.74 2.27
N ALA A 217 0.91 -9.33 2.75
CA ALA A 217 1.10 -8.91 4.17
C ALA A 217 0.86 -7.41 4.37
N GLY A 218 0.92 -6.63 3.31
CA GLY A 218 0.81 -5.16 3.41
C GLY A 218 2.06 -4.47 3.98
N ILE A 219 3.25 -5.00 3.75
CA ILE A 219 4.52 -4.36 4.19
C ILE A 219 5.58 -4.32 3.10
N GLY A 220 5.67 -5.28 2.16
CA GLY A 220 6.80 -5.35 1.23
C GLY A 220 6.54 -4.55 -0.04
N ARG A 221 5.79 -5.08 -1.01
CA ARG A 221 5.42 -4.28 -2.22
C ARG A 221 4.68 -2.99 -1.79
N SER A 222 3.80 -3.08 -0.82
CA SER A 222 3.01 -1.91 -0.32
C SER A 222 3.97 -0.84 0.20
N GLY A 223 5.02 -1.24 0.95
CA GLY A 223 6.08 -0.33 1.44
C GLY A 223 6.82 0.36 0.29
N THR A 224 7.09 -0.35 -0.77
CA THR A 224 7.81 0.16 -1.96
C THR A 224 6.99 1.26 -2.61
N PHE A 225 5.68 1.06 -2.74
CA PHE A 225 4.76 2.03 -3.38
C PHE A 225 4.76 3.37 -2.58
N CYS A 226 4.49 3.31 -1.27
CA CYS A 226 4.41 4.59 -0.48
C CYS A 226 5.78 5.25 -0.33
N LEU A 227 6.87 4.49 -0.18
CA LEU A 227 8.24 5.04 -0.07
C LEU A 227 8.62 5.81 -1.36
N ALA A 228 8.36 5.22 -2.52
CA ALA A 228 8.69 5.86 -3.81
C ALA A 228 7.86 7.13 -3.95
N ASP A 229 6.56 7.07 -3.72
CA ASP A 229 5.66 8.25 -3.88
C ASP A 229 6.13 9.42 -2.97
N THR A 230 6.34 9.17 -1.68
CA THR A 230 6.72 10.24 -0.72
C THR A 230 8.10 10.80 -1.12
N CYS A 231 9.07 9.97 -1.48
CA CYS A 231 10.44 10.50 -1.80
C CYS A 231 10.36 11.44 -3.02
N LEU A 232 9.61 11.05 -4.07
CA LEU A 232 9.46 11.90 -5.29
C LEU A 232 8.72 13.19 -4.92
N LEU A 233 7.73 13.15 -4.05
CA LEU A 233 6.99 14.39 -3.66
C LEU A 233 7.98 15.31 -2.92
N LEU A 234 8.81 14.78 -2.00
CA LEU A 234 9.77 15.62 -1.24
C LEU A 234 10.81 16.23 -2.19
N MET A 235 11.21 15.53 -3.25
CA MET A 235 12.21 16.06 -4.23
C MET A 235 11.59 17.24 -5.00
N ASP A 236 10.29 17.25 -5.23
CA ASP A 236 9.52 18.35 -5.88
C ASP A 236 9.40 19.59 -4.97
N LYS A 237 9.46 19.39 -3.66
CA LYS A 237 9.16 20.46 -2.67
C LYS A 237 10.46 21.14 -2.18
N ARG A 238 11.58 20.41 -2.05
CA ARG A 238 12.83 20.89 -1.38
C ARG A 238 13.66 21.74 -2.36
N LYS A 239 14.27 22.82 -1.87
CA LYS A 239 15.25 23.62 -2.66
C LYS A 239 16.34 22.68 -3.20
N ASP A 240 16.71 21.66 -2.42
CA ASP A 240 17.83 20.75 -2.78
C ASP A 240 17.31 19.31 -2.79
N PRO A 241 16.90 18.77 -3.96
CA PRO A 241 16.39 17.41 -4.05
C PRO A 241 17.43 16.40 -3.52
N SER A 242 18.71 16.77 -3.52
CA SER A 242 19.83 15.93 -3.06
C SER A 242 19.74 15.72 -1.54
N SER A 243 18.95 16.54 -0.84
CA SER A 243 18.79 16.36 0.63
C SER A 243 17.81 15.22 0.96
N VAL A 244 17.16 14.60 -0.04
CA VAL A 244 16.14 13.56 0.32
C VAL A 244 16.89 12.27 0.63
N ASP A 245 16.74 11.75 1.84
CA ASP A 245 17.48 10.56 2.30
C ASP A 245 16.50 9.38 2.39
N ILE A 246 16.56 8.46 1.46
CA ILE A 246 15.51 7.40 1.37
C ILE A 246 15.50 6.53 2.65
N LYS A 247 16.67 6.26 3.21
CA LYS A 247 16.80 5.48 4.46
C LYS A 247 16.08 6.21 5.61
N LYS A 248 16.25 7.54 5.71
CA LYS A 248 15.56 8.33 6.75
C LYS A 248 14.04 8.38 6.50
N VAL A 249 13.59 8.47 5.27
CA VAL A 249 12.12 8.45 4.99
C VAL A 249 11.54 7.09 5.41
N LEU A 250 12.23 6.01 5.07
CA LEU A 250 11.77 4.62 5.37
C LEU A 250 11.69 4.46 6.89
N LEU A 251 12.70 4.89 7.63
CA LEU A 251 12.62 4.80 9.12
C LEU A 251 11.46 5.64 9.71
N GLU A 252 11.15 6.82 9.15
CA GLU A 252 9.98 7.60 9.56
C GLU A 252 8.70 6.76 9.29
N MET A 253 8.57 6.16 8.12
CA MET A 253 7.37 5.35 7.78
C MET A 253 7.24 4.13 8.74
N ARG A 254 8.35 3.52 9.13
CA ARG A 254 8.40 2.38 10.08
C ARG A 254 8.01 2.80 11.50
N LYS A 255 7.87 4.09 11.81
CA LYS A 255 7.22 4.45 13.09
C LYS A 255 5.74 4.09 13.07
N PHE A 256 5.10 3.95 11.87
CA PHE A 256 3.63 3.75 11.75
C PHE A 256 3.22 2.31 11.39
N ARG A 257 4.06 1.54 10.74
CA ARG A 257 3.80 0.08 10.48
C ARG A 257 5.12 -0.65 10.45
N MET A 258 5.20 -1.81 11.12
CA MET A 258 6.42 -2.62 11.16
C MET A 258 6.77 -3.22 9.79
N GLY A 259 8.06 -3.43 9.53
CA GLY A 259 8.52 -4.37 8.49
C GLY A 259 8.51 -3.82 7.07
N LEU A 260 8.18 -2.54 6.87
CA LEU A 260 8.05 -1.99 5.51
C LEU A 260 9.36 -2.16 4.74
N ILE A 261 9.31 -2.77 3.54
CA ILE A 261 10.45 -3.25 2.73
C ILE A 261 10.95 -4.53 3.40
N GLN A 262 10.71 -5.66 2.76
CA GLN A 262 10.90 -7.02 3.38
C GLN A 262 12.28 -7.61 3.04
N THR A 263 12.97 -7.13 2.01
CA THR A 263 14.24 -7.75 1.50
C THR A 263 15.19 -6.64 1.06
N ALA A 264 16.50 -6.96 1.02
CA ALA A 264 17.54 -6.09 0.41
C ALA A 264 17.23 -5.80 -1.07
N ASP A 265 16.68 -6.76 -1.81
CA ASP A 265 16.30 -6.52 -3.22
C ASP A 265 15.15 -5.49 -3.34
N GLN A 266 14.14 -5.52 -2.45
CA GLN A 266 13.06 -4.48 -2.42
C GLN A 266 13.68 -3.11 -2.08
N LEU A 267 14.70 -3.07 -1.21
CA LEU A 267 15.35 -1.75 -0.87
C LEU A 267 16.05 -1.21 -2.12
N ARG A 268 16.85 -2.03 -2.80
CA ARG A 268 17.53 -1.60 -4.06
C ARG A 268 16.54 -1.15 -5.12
N PHE A 269 15.45 -1.90 -5.31
CA PHE A 269 14.39 -1.56 -6.28
C PHE A 269 13.77 -0.18 -5.95
N SER A 270 13.56 0.12 -4.65
CA SER A 270 12.98 1.41 -4.20
C SER A 270 13.95 2.54 -4.61
N TYR A 271 15.24 2.38 -4.34
CA TYR A 271 16.26 3.38 -4.80
C TYR A 271 16.18 3.55 -6.31
N LEU A 272 16.15 2.44 -7.07
CA LEU A 272 16.09 2.54 -8.56
C LEU A 272 14.87 3.33 -9.00
N ALA A 273 13.70 3.00 -8.44
CA ALA A 273 12.45 3.67 -8.79
C ALA A 273 12.57 5.19 -8.55
N VAL A 274 13.09 5.60 -7.40
CA VAL A 274 13.16 7.05 -7.04
C VAL A 274 14.16 7.75 -8.00
N ILE A 275 15.29 7.11 -8.27
CA ILE A 275 16.32 7.71 -9.17
C ILE A 275 15.75 7.88 -10.58
N GLU A 276 15.07 6.86 -11.11
CA GLU A 276 14.51 6.93 -12.49
C GLU A 276 13.29 7.87 -12.51
N GLY A 277 12.48 7.89 -11.44
CA GLY A 277 11.33 8.79 -11.40
C GLY A 277 11.75 10.25 -11.36
N ALA A 278 12.83 10.58 -10.64
CA ALA A 278 13.30 11.98 -10.47
C ALA A 278 13.59 12.62 -11.84
N LYS A 279 14.02 11.83 -12.82
CA LYS A 279 14.29 12.36 -14.19
C LYS A 279 12.99 12.78 -14.90
N PHE A 280 11.80 12.70 -14.26
CA PHE A 280 10.56 13.43 -14.64
C PHE A 280 10.38 14.66 -13.74
N ILE A 281 10.32 14.47 -12.41
CA ILE A 281 10.07 15.49 -11.35
C ILE A 281 10.92 16.76 -11.61
N MET A 282 12.16 16.64 -12.10
CA MET A 282 13.12 17.79 -12.20
C MET A 282 13.10 18.45 -13.59
N GLY A 283 12.12 18.11 -14.44
CA GLY A 283 11.66 18.97 -15.56
C GLY A 283 11.61 18.29 -16.92
N ASP A 284 11.68 16.96 -16.95
CA ASP A 284 11.78 16.26 -18.25
C ASP A 284 10.40 15.69 -18.61
C TRS B . -0.85 9.29 16.94
C1 TRS B . 0.13 8.18 16.56
C2 TRS B . -0.25 10.69 16.84
C3 TRS B . -1.31 9.08 18.35
N TRS B . -2.13 9.19 16.14
O1 TRS B . -0.11 7.72 15.23
O2 TRS B . 0.84 10.73 15.94
O3 TRS B . -1.86 7.71 18.61
H11 TRS B . 0.03 7.42 17.18
H12 TRS B . 1.05 8.50 16.64
H21 TRS B . 0.04 11.00 17.73
H22 TRS B . -0.94 11.31 16.52
H31 TRS B . -2.00 9.74 18.56
H32 TRS B . -0.56 9.24 18.95
HN1 TRS B . -2.87 9.28 16.66
HN2 TRS B . -2.18 8.37 15.73
HN3 TRS B . -2.16 9.83 15.49
HO1 TRS B . 0.56 7.20 14.86
HO2 TRS B . 1.10 11.26 15.56
HO3 TRS B . -2.26 7.43 17.92
C10 A1ABU C . 21.21 6.05 2.71
C13 A1ABU C . 26.83 4.81 2.65
C17 A1ABU C . 26.26 2.29 2.59
C02 A1ABU C . 26.67 3.43 4.57
C04 A1ABU C . 24.30 3.38 4.75
C06 A1ABU C . 23.48 5.14 3.10
C07 A1ABU C . 23.91 6.52 2.97
C08 A1ABU C . 23.04 7.59 2.71
C09 A1ABU C . 21.68 7.36 2.58
C11 A1ABU C . 22.08 4.99 2.97
C12 A1ABU C . 25.90 3.68 3.10
C14 A1ABU C . 27.01 4.74 1.15
C16 A1ABU C . 27.35 2.31 1.53
N03 A1ABU C . 25.66 3.28 5.40
N05 A1ABU C . 24.46 4.05 3.39
N15 A1ABU C . 27.31 3.41 0.55
O01 A1ABU C . 27.93 3.40 4.76
H101 A1ABU C . 20.10 5.86 2.59
H131 A1ABU C . 26.83 5.72 3.18
H132 A1ABU C . 27.91 4.51 3.02
H171 A1ABU C . 25.42 1.66 2.45
H172 A1ABU C . 26.71 1.71 3.51
H042 A1ABU C . 23.80 2.40 4.70
H041 A1ABU C . 23.66 4.03 5.42
H071 A1ABU C . 24.98 6.78 3.07
H081 A1ABU C . 23.43 8.65 2.60
H091 A1ABU C . 20.96 8.21 2.37
H111 A1ABU C . 21.65 3.97 3.05
H141 A1ABU C . 27.80 5.48 0.95
H142 A1ABU C . 26.10 5.19 0.67
H161 A1ABU C . 28.30 2.31 2.09
H162 A1ABU C . 27.35 1.31 1.02
H031 A1ABU C . 25.92 3.12 6.35
H1 A1ABU C . 26.65 3.20 -0.23
#